data_7WMH
#
_entry.id   7WMH
#
_cell.length_a   106.408
_cell.length_b   106.408
_cell.length_c   57.388
_cell.angle_alpha   90.000
_cell.angle_beta   90.000
_cell.angle_gamma   90.000
#
_symmetry.space_group_name_H-M   'P 43 21 2'
#
loop_
_entity.id
_entity.type
_entity.pdbx_description
1 polymer 'Isoform Beta-2 of Thyroid hormone receptor beta'
2 polymer 'Nuclear receptor coactivator 2'
3 non-polymer '2-[[1-methoxy-4-oxidanyl-7-(4-phenylphenoxy)isoquinolin-3-yl]carbonylamino]ethanoic acid'
4 water water
#
loop_
_entity_poly.entity_id
_entity_poly.type
_entity_poly.pdbx_seq_one_letter_code
_entity_poly.pdbx_strand_id
1 'polypeptide(L)'
;EELQKSIGHKPEPTDEEWELIKTVTEAHVATNAQGSHWKQKRKFLPEDIGQAPIVNAPEGGKVDLEAFSHFTKIITPAIT
RVVDFAKKLPMFCELPCEDQIILLKGCCMEIMSLRAAVRYDPESETLTLNGEMAVTRGQLKNGGLGVVSDAIFDLGMSLS
SFNLDDTEVALLQAVLLMSSDRPGLACVERIEKYQDSFLLAFEHYINYRKHHVTHFWPKLLMKVTDLRMIGACHASRFLH
MKVECPTELFPPLFLEVFED
;
A
2 'polypeptide(L)' ENALLRYLLDK B
#
loop_
_chem_comp.id
_chem_comp.type
_chem_comp.name
_chem_comp.formula
9II non-polymer '2-[[1-methoxy-4-oxidanyl-7-(4-phenylphenoxy)isoquinolin-3-yl]carbonylamino]ethanoic acid' 'C25 H20 N2 O6'
#
# COMPACT_ATOMS: atom_id res chain seq x y z
N LYS A 10 27.93 -8.79 0.97
CA LYS A 10 26.47 -8.57 0.88
C LYS A 10 25.80 -9.50 1.90
N PRO A 11 25.58 -9.05 3.15
CA PRO A 11 24.98 -9.91 4.17
C PRO A 11 23.61 -10.45 3.73
N GLU A 12 23.39 -11.75 3.96
CA GLU A 12 22.11 -12.38 3.57
C GLU A 12 21.25 -12.57 4.80
N PRO A 13 19.97 -12.98 4.64
CA PRO A 13 19.07 -13.03 5.78
C PRO A 13 19.56 -13.94 6.92
N THR A 14 19.55 -13.41 8.12
CA THR A 14 19.72 -14.21 9.35
C THR A 14 18.50 -15.12 9.49
N ASP A 15 18.58 -16.10 10.37
CA ASP A 15 17.45 -17.07 10.55
C ASP A 15 16.27 -16.30 11.14
N GLU A 16 16.53 -15.34 12.02
CA GLU A 16 15.47 -14.59 12.73
C GLU A 16 14.77 -13.70 11.69
N GLU A 17 15.52 -13.33 10.66
CA GLU A 17 15.05 -12.51 9.52
C GLU A 17 14.32 -13.39 8.49
N TRP A 18 14.73 -14.64 8.32
CA TRP A 18 13.96 -15.55 7.43
C TRP A 18 12.53 -15.75 7.96
N GLU A 19 12.35 -15.78 9.27
CA GLU A 19 10.99 -16.03 9.82
C GLU A 19 10.19 -14.73 9.84
N LEU A 20 10.88 -13.59 9.88
CA LEU A 20 10.22 -12.29 9.72
C LEU A 20 9.79 -12.20 8.27
N ILE A 21 10.66 -12.60 7.35
CA ILE A 21 10.33 -12.69 5.89
C ILE A 21 9.12 -13.59 5.71
N LYS A 22 9.06 -14.73 6.42
CA LYS A 22 7.93 -15.68 6.29
C LYS A 22 6.66 -15.02 6.84
N THR A 23 6.73 -14.48 8.04
CA THR A 23 5.59 -13.79 8.67
C THR A 23 5.03 -12.74 7.70
N VAL A 24 5.88 -11.88 7.13
CA VAL A 24 5.39 -10.70 6.37
C VAL A 24 4.84 -11.18 5.06
N THR A 25 5.55 -12.08 4.39
CA THR A 25 5.12 -12.60 3.07
C THR A 25 3.75 -13.25 3.23
N GLU A 26 3.59 -14.04 4.27
CA GLU A 26 2.30 -14.78 4.47
C GLU A 26 1.19 -13.78 4.73
N ALA A 27 1.47 -12.71 5.48
CA ALA A 27 0.45 -11.68 5.81
C ALA A 27 -0.01 -11.00 4.51
N HIS A 28 0.94 -10.66 3.64
CA HIS A 28 0.65 -10.01 2.34
C HIS A 28 -0.16 -10.98 1.47
N VAL A 29 0.32 -12.19 1.33
CA VAL A 29 -0.34 -13.19 0.41
C VAL A 29 -1.77 -13.48 0.86
N ALA A 30 -2.05 -13.53 2.15
CA ALA A 30 -3.41 -13.83 2.67
C ALA A 30 -4.34 -12.61 2.53
N THR A 31 -3.83 -11.39 2.27
CA THR A 31 -4.68 -10.18 2.28
C THR A 31 -4.51 -9.51 0.92
N ASN A 32 -3.87 -10.20 -0.02
CA ASN A 32 -3.69 -9.68 -1.38
C ASN A 32 -4.78 -10.25 -2.28
N ALA A 33 -5.62 -9.39 -2.83
CA ALA A 33 -6.81 -9.79 -3.62
C ALA A 33 -6.44 -10.70 -4.78
N GLN A 34 -7.21 -11.79 -4.93
CA GLN A 34 -7.24 -12.70 -6.10
C GLN A 34 -5.91 -13.44 -6.23
N GLY A 35 -4.99 -13.25 -5.27
CA GLY A 35 -3.65 -13.85 -5.33
C GLY A 35 -3.15 -13.84 -6.77
N SER A 36 -2.86 -15.02 -7.33
CA SER A 36 -2.19 -15.17 -8.65
C SER A 36 -3.18 -15.06 -9.83
N HIS A 37 -4.49 -15.19 -9.60
CA HIS A 37 -5.50 -15.19 -10.70
C HIS A 37 -6.12 -13.80 -10.93
N TRP A 38 -5.40 -12.70 -10.64
CA TRP A 38 -5.89 -11.30 -10.83
C TRP A 38 -6.01 -10.93 -12.32
N LYS A 39 -5.08 -11.41 -13.15
CA LYS A 39 -5.04 -11.11 -14.60
C LYS A 39 -6.28 -11.72 -15.31
N GLN A 40 -6.63 -12.98 -14.99
CA GLN A 40 -7.73 -13.74 -15.66
C GLN A 40 -9.09 -13.24 -15.19
N LYS A 41 -9.19 -12.90 -13.89
CA LYS A 41 -10.44 -12.40 -13.27
C LYS A 41 -10.72 -10.97 -13.73
N ARG A 42 -9.70 -10.32 -14.34
CA ARG A 42 -9.73 -8.88 -14.69
C ARG A 42 -10.94 -8.53 -15.56
N LYS A 43 -11.55 -7.40 -15.20
CA LYS A 43 -12.72 -6.79 -15.85
C LYS A 43 -12.34 -5.36 -16.20
N PHE A 44 -12.35 -5.02 -17.48
CA PHE A 44 -11.98 -3.67 -17.96
C PHE A 44 -13.20 -2.76 -17.77
N LEU A 45 -13.02 -1.64 -17.07
CA LEU A 45 -14.07 -0.62 -16.89
C LEU A 45 -14.42 -0.03 -18.27
N PRO A 46 -15.70 0.38 -18.47
CA PRO A 46 -16.18 1.04 -19.68
C PRO A 46 -15.12 1.86 -20.44
N LYS A 62 -14.41 19.06 -15.13
CA LYS A 62 -13.56 18.62 -13.98
C LYS A 62 -13.95 17.20 -13.58
N VAL A 63 -13.88 16.90 -12.27
CA VAL A 63 -14.15 15.55 -11.68
C VAL A 63 -15.49 15.00 -12.16
N ASP A 64 -15.49 13.77 -12.63
CA ASP A 64 -16.71 12.98 -12.95
C ASP A 64 -17.21 12.38 -11.63
N LEU A 65 -18.25 12.98 -11.01
CA LEU A 65 -18.79 12.47 -9.72
C LEU A 65 -19.51 11.14 -9.96
N GLU A 66 -19.61 10.72 -11.21
CA GLU A 66 -20.25 9.43 -11.56
C GLU A 66 -19.14 8.38 -11.60
N ALA A 67 -17.99 8.76 -12.15
CA ALA A 67 -16.77 7.93 -12.07
C ALA A 67 -16.40 7.83 -10.60
N PHE A 68 -16.44 8.96 -9.90
CA PHE A 68 -16.14 9.05 -8.44
C PHE A 68 -16.95 8.01 -7.69
N SER A 69 -18.26 8.03 -7.92
CA SER A 69 -19.25 7.12 -7.32
C SER A 69 -18.77 5.68 -7.51
N HIS A 70 -18.41 5.28 -8.71
CA HIS A 70 -18.02 3.88 -8.99
C HIS A 70 -16.78 3.51 -8.19
N PHE A 71 -15.87 4.47 -7.97
CA PHE A 71 -14.59 4.20 -7.25
C PHE A 71 -14.85 4.15 -5.75
N THR A 72 -15.57 5.12 -5.22
CA THR A 72 -15.85 5.15 -3.77
C THR A 72 -16.52 3.84 -3.35
N LYS A 73 -17.32 3.25 -4.22
CA LYS A 73 -18.01 2.00 -3.83
C LYS A 73 -17.02 0.84 -3.74
N ILE A 74 -15.84 0.94 -4.37
CA ILE A 74 -14.92 -0.23 -4.48
C ILE A 74 -13.67 -0.03 -3.61
N ILE A 75 -13.48 1.11 -2.96
CA ILE A 75 -12.27 1.31 -2.11
C ILE A 75 -12.41 0.56 -0.76
N THR A 76 -13.62 0.39 -0.21
CA THR A 76 -13.81 -0.20 1.15
C THR A 76 -13.09 -1.54 1.31
N PRO A 77 -13.23 -2.52 0.40
CA PRO A 77 -12.52 -3.79 0.59
C PRO A 77 -10.99 -3.64 0.49
N ALA A 78 -10.52 -2.71 -0.34
CA ALA A 78 -9.06 -2.46 -0.47
C ALA A 78 -8.55 -1.92 0.86
N ILE A 79 -9.26 -0.99 1.50
CA ILE A 79 -8.83 -0.48 2.86
C ILE A 79 -8.82 -1.65 3.83
N THR A 80 -9.86 -2.51 3.81
CA THR A 80 -10.04 -3.61 4.78
C THR A 80 -8.89 -4.61 4.64
N ARG A 81 -8.40 -4.82 3.43
CA ARG A 81 -7.25 -5.73 3.19
C ARG A 81 -5.99 -5.17 3.85
N VAL A 82 -5.85 -3.84 3.85
CA VAL A 82 -4.65 -3.27 4.52
C VAL A 82 -4.78 -3.53 6.00
N VAL A 83 -5.96 -3.30 6.56
CA VAL A 83 -6.20 -3.51 8.01
C VAL A 83 -5.84 -4.95 8.34
N ASP A 84 -6.34 -5.88 7.55
CA ASP A 84 -6.06 -7.33 7.70
C ASP A 84 -4.57 -7.61 7.60
N PHE A 85 -3.84 -6.96 6.68
CA PHE A 85 -2.38 -7.17 6.56
C PHE A 85 -1.72 -6.81 7.88
N ALA A 86 -2.04 -5.63 8.41
CA ALA A 86 -1.39 -5.10 9.63
C ALA A 86 -1.68 -6.02 10.81
N LYS A 87 -2.93 -6.44 10.94
CA LYS A 87 -3.39 -7.32 12.06
C LYS A 87 -2.62 -8.64 12.05
N LYS A 88 -2.05 -9.05 10.93
CA LYS A 88 -1.29 -10.33 10.84
C LYS A 88 0.19 -10.13 11.16
N LEU A 89 0.61 -8.91 11.53
CA LEU A 89 1.99 -8.63 12.00
C LEU A 89 1.94 -8.45 13.52
N PRO A 90 2.58 -9.38 14.28
CA PRO A 90 2.50 -9.34 15.73
C PRO A 90 3.01 -8.01 16.28
N MET A 91 4.04 -7.43 15.64
CA MET A 91 4.62 -6.15 16.09
C MET A 91 3.53 -5.08 16.03
N PHE A 92 2.70 -5.09 14.98
CA PHE A 92 1.60 -4.10 14.86
C PHE A 92 0.66 -4.34 16.02
N CYS A 93 0.35 -5.61 16.29
CA CYS A 93 -0.67 -5.98 17.28
C CYS A 93 -0.22 -5.60 18.70
N GLU A 94 1.09 -5.47 18.92
CA GLU A 94 1.70 -5.07 20.23
C GLU A 94 1.45 -3.60 20.55
N LEU A 95 1.06 -2.78 19.56
CA LEU A 95 0.94 -1.32 19.74
C LEU A 95 -0.44 -1.01 20.30
N PRO A 96 -0.57 0.11 21.02
CA PRO A 96 -1.88 0.55 21.47
C PRO A 96 -2.77 0.90 20.27
N CYS A 97 -4.08 0.75 20.43
CA CYS A 97 -5.07 1.00 19.36
C CYS A 97 -4.92 2.43 18.82
N GLU A 98 -4.56 3.40 19.65
CA GLU A 98 -4.48 4.82 19.20
C GLU A 98 -3.38 4.93 18.15
N ASP A 99 -2.26 4.26 18.38
CA ASP A 99 -1.13 4.24 17.42
C ASP A 99 -1.51 3.40 16.18
N GLN A 100 -2.20 2.28 16.37
CA GLN A 100 -2.58 1.38 15.26
C GLN A 100 -3.42 2.17 14.25
N ILE A 101 -4.37 2.94 14.77
CA ILE A 101 -5.23 3.81 13.94
C ILE A 101 -4.33 4.77 13.19
N ILE A 102 -3.41 5.44 13.88
CA ILE A 102 -2.57 6.46 13.22
C ILE A 102 -1.74 5.81 12.10
N LEU A 103 -1.11 4.65 12.36
CA LEU A 103 -0.22 3.99 11.40
C LEU A 103 -1.04 3.60 10.16
N LEU A 104 -2.25 3.12 10.36
CA LEU A 104 -3.09 2.66 9.24
C LEU A 104 -3.58 3.84 8.40
N LYS A 105 -4.01 4.91 9.03
CA LYS A 105 -4.41 6.13 8.28
C LYS A 105 -3.24 6.63 7.44
N GLY A 106 -2.00 6.52 7.94
CA GLY A 106 -0.82 7.02 7.21
C GLY A 106 -0.45 6.21 5.99
N CYS A 107 -0.57 4.87 6.05
CA CYS A 107 0.07 3.98 5.08
C CYS A 107 -0.99 3.37 4.15
N CYS A 108 -2.26 3.58 4.42
CA CYS A 108 -3.32 2.85 3.69
C CYS A 108 -3.27 3.09 2.18
N MET A 109 -3.23 4.35 1.74
CA MET A 109 -3.22 4.67 0.28
C MET A 109 -1.83 4.32 -0.26
N GLU A 110 -0.78 4.41 0.57
CA GLU A 110 0.58 4.01 0.15
C GLU A 110 0.59 2.53 -0.25
N ILE A 111 -0.02 1.68 0.56
CA ILE A 111 -0.03 0.21 0.27
C ILE A 111 -0.98 -0.11 -0.87
N MET A 112 -2.19 0.48 -0.87
CA MET A 112 -3.14 0.25 -1.99
C MET A 112 -2.49 0.66 -3.33
N SER A 113 -1.71 1.74 -3.32
CA SER A 113 -1.05 2.27 -4.53
C SER A 113 0.06 1.32 -4.96
N LEU A 114 0.79 0.76 -4.00
CA LEU A 114 1.85 -0.21 -4.36
C LEU A 114 1.22 -1.48 -4.94
N ARG A 115 0.13 -1.91 -4.33
CA ARG A 115 -0.48 -3.22 -4.67
C ARG A 115 -1.06 -3.09 -6.09
N ALA A 116 -1.50 -1.90 -6.46
CA ALA A 116 -2.01 -1.62 -7.82
C ALA A 116 -0.82 -1.43 -8.78
N ALA A 117 0.23 -0.71 -8.36
CA ALA A 117 1.38 -0.45 -9.24
C ALA A 117 2.07 -1.75 -9.65
N VAL A 118 2.21 -2.71 -8.73
CA VAL A 118 2.90 -3.99 -9.07
C VAL A 118 2.05 -4.79 -10.06
N ARG A 119 0.79 -4.46 -10.26
CA ARG A 119 -0.14 -5.15 -11.20
C ARG A 119 -0.29 -4.27 -12.43
N TYR A 120 0.74 -3.46 -12.76
CA TYR A 120 0.72 -2.75 -14.03
C TYR A 120 0.92 -3.78 -15.17
N ASP A 121 0.03 -3.76 -16.13
CA ASP A 121 0.18 -4.58 -17.35
C ASP A 121 0.53 -3.68 -18.54
N PRO A 122 1.77 -3.71 -19.09
CA PRO A 122 2.15 -2.74 -20.12
C PRO A 122 1.35 -2.89 -21.43
N GLU A 123 0.78 -4.06 -21.68
CA GLU A 123 0.09 -4.31 -22.97
C GLU A 123 -1.25 -3.55 -23.01
N SER A 124 -2.03 -3.62 -21.93
CA SER A 124 -3.32 -2.88 -21.83
C SER A 124 -3.11 -1.51 -21.17
N GLU A 125 -1.92 -1.25 -20.61
CA GLU A 125 -1.65 0.01 -19.88
C GLU A 125 -2.71 0.21 -18.80
N THR A 126 -2.93 -0.82 -17.99
CA THR A 126 -3.88 -0.72 -16.87
C THR A 126 -3.18 -1.14 -15.59
N LEU A 127 -3.75 -0.70 -14.48
CA LEU A 127 -3.46 -1.29 -13.17
C LEU A 127 -4.68 -2.11 -12.77
N THR A 128 -4.48 -3.03 -11.84
CA THR A 128 -5.60 -3.87 -11.34
C THR A 128 -5.91 -3.50 -9.89
N LEU A 129 -7.15 -3.13 -9.65
CA LEU A 129 -7.75 -2.87 -8.34
C LEU A 129 -8.54 -4.09 -7.88
N ASN A 130 -8.41 -4.40 -6.60
CA ASN A 130 -9.13 -5.51 -5.96
C ASN A 130 -8.89 -6.80 -6.74
N GLY A 131 -7.76 -6.92 -7.40
CA GLY A 131 -7.36 -8.18 -8.05
C GLY A 131 -8.33 -8.57 -9.16
N GLU A 132 -9.25 -7.69 -9.55
CA GLU A 132 -10.33 -8.03 -10.49
C GLU A 132 -10.71 -6.89 -11.43
N MET A 133 -10.33 -5.65 -11.17
CA MET A 133 -10.76 -4.51 -12.02
C MET A 133 -9.55 -3.81 -12.63
N ALA A 134 -9.44 -3.85 -13.96
CA ALA A 134 -8.40 -3.17 -14.75
C ALA A 134 -8.86 -1.74 -15.05
N VAL A 135 -8.00 -0.77 -14.77
CA VAL A 135 -8.33 0.66 -14.94
C VAL A 135 -7.17 1.33 -15.66
N THR A 136 -7.50 2.30 -16.50
CA THR A 136 -6.53 3.07 -17.29
C THR A 136 -6.14 4.30 -16.48
N ARG A 137 -5.12 4.97 -16.95
CA ARG A 137 -4.64 6.23 -16.34
C ARG A 137 -5.74 7.29 -16.37
N GLY A 138 -6.44 7.40 -17.51
CA GLY A 138 -7.53 8.36 -17.69
C GLY A 138 -8.73 8.03 -16.82
N GLN A 139 -9.03 6.76 -16.64
CA GLN A 139 -10.17 6.36 -15.77
C GLN A 139 -9.90 6.75 -14.32
N LEU A 140 -8.73 6.34 -13.81
CA LEU A 140 -8.38 6.62 -12.39
C LEU A 140 -8.29 8.14 -12.20
N LYS A 141 -7.81 8.84 -13.21
CA LYS A 141 -7.62 10.31 -13.08
C LYS A 141 -8.99 11.00 -12.96
N ASN A 142 -9.96 10.51 -13.75
CA ASN A 142 -11.34 11.00 -13.79
C ASN A 142 -12.19 10.39 -12.67
N GLY A 143 -11.69 9.37 -11.99
CA GLY A 143 -12.31 8.86 -10.75
C GLY A 143 -12.05 9.80 -9.59
N GLY A 144 -11.33 10.90 -9.82
CA GLY A 144 -11.03 11.92 -8.81
C GLY A 144 -9.60 11.87 -8.27
N LEU A 145 -8.72 11.00 -8.77
CA LEU A 145 -7.33 10.90 -8.23
C LEU A 145 -6.43 12.02 -8.77
N GLY A 146 -6.77 12.60 -9.92
CA GLY A 146 -5.92 13.68 -10.49
C GLY A 146 -4.48 13.22 -10.74
N VAL A 147 -3.50 14.07 -10.41
CA VAL A 147 -2.07 13.77 -10.76
C VAL A 147 -1.57 12.51 -10.07
N VAL A 148 -2.20 12.12 -8.97
CA VAL A 148 -1.85 10.90 -8.20
C VAL A 148 -2.01 9.71 -9.14
N SER A 149 -2.95 9.75 -10.12
CA SER A 149 -3.11 8.64 -11.09
C SER A 149 -1.83 8.56 -11.92
N ASP A 150 -1.30 9.69 -12.38
CA ASP A 150 -0.05 9.65 -13.16
C ASP A 150 1.12 9.14 -12.29
N ALA A 151 1.16 9.52 -11.03
CA ALA A 151 2.26 9.10 -10.11
C ALA A 151 2.19 7.58 -9.90
N ILE A 152 0.99 7.03 -9.77
CA ILE A 152 0.81 5.58 -9.50
C ILE A 152 1.18 4.81 -10.77
N PHE A 153 0.73 5.31 -11.93
CA PHE A 153 1.03 4.67 -13.23
C PHE A 153 2.52 4.72 -13.52
N ASP A 154 3.14 5.87 -13.33
CA ASP A 154 4.59 6.02 -13.54
C ASP A 154 5.32 5.03 -12.63
N LEU A 155 4.90 4.90 -11.38
CA LEU A 155 5.55 3.94 -10.44
C LEU A 155 5.39 2.53 -11.01
N GLY A 156 4.21 2.17 -11.47
CA GLY A 156 4.00 0.81 -12.01
C GLY A 156 4.92 0.51 -13.18
N MET A 157 5.12 1.49 -14.04
CA MET A 157 5.98 1.34 -15.22
C MET A 157 7.41 1.13 -14.74
N SER A 158 7.87 1.94 -13.77
CA SER A 158 9.26 1.86 -13.25
C SER A 158 9.47 0.53 -12.52
N LEU A 159 8.42 -0.04 -11.92
CA LEU A 159 8.53 -1.28 -11.13
C LEU A 159 8.54 -2.56 -12.01
N SER A 160 8.10 -2.47 -13.26
CA SER A 160 8.07 -3.66 -14.17
C SER A 160 9.45 -4.33 -14.23
N SER A 161 10.53 -3.56 -14.34
CA SER A 161 11.92 -4.08 -14.45
C SER A 161 12.50 -4.49 -13.08
N PHE A 162 11.81 -4.21 -11.97
CA PHE A 162 12.29 -4.56 -10.61
C PHE A 162 11.89 -6.01 -10.29
N ASN A 163 10.88 -6.56 -10.97
CA ASN A 163 10.50 -7.98 -10.77
C ASN A 163 10.36 -8.25 -9.27
N LEU A 164 9.56 -7.43 -8.61
CA LEU A 164 9.32 -7.57 -7.16
C LEU A 164 8.49 -8.84 -6.94
N ASP A 165 8.92 -9.72 -6.05
CA ASP A 165 8.14 -10.92 -5.66
C ASP A 165 7.27 -10.57 -4.46
N ASP A 166 6.45 -11.51 -4.01
CA ASP A 166 5.51 -11.27 -2.89
C ASP A 166 6.28 -10.78 -1.68
N THR A 167 7.48 -11.30 -1.47
CA THR A 167 8.27 -11.01 -0.25
C THR A 167 8.71 -9.53 -0.28
N GLU A 168 9.23 -9.08 -1.43
CA GLU A 168 9.73 -7.70 -1.62
C GLU A 168 8.56 -6.72 -1.46
N VAL A 169 7.39 -7.10 -1.99
CA VAL A 169 6.17 -6.26 -1.86
C VAL A 169 5.76 -6.24 -0.38
N ALA A 170 5.76 -7.38 0.31
CA ALA A 170 5.30 -7.40 1.71
C ALA A 170 6.21 -6.53 2.57
N LEU A 171 7.49 -6.59 2.30
CA LEU A 171 8.48 -5.86 3.15
C LEU A 171 8.37 -4.35 2.92
N LEU A 172 8.16 -3.93 1.68
CA LEU A 172 7.90 -2.50 1.34
C LEU A 172 6.68 -2.05 2.11
N GLN A 173 5.62 -2.88 2.08
CA GLN A 173 4.40 -2.60 2.86
C GLN A 173 4.73 -2.46 4.34
N ALA A 174 5.61 -3.30 4.86
CA ALA A 174 5.91 -3.28 6.30
C ALA A 174 6.74 -2.04 6.64
N VAL A 175 7.65 -1.66 5.77
CA VAL A 175 8.41 -0.39 5.93
C VAL A 175 7.44 0.81 5.96
N LEU A 176 6.47 0.84 5.08
CA LEU A 176 5.50 1.96 5.03
C LEU A 176 4.60 1.96 6.29
N LEU A 177 4.14 0.79 6.71
CA LEU A 177 3.30 0.71 7.93
C LEU A 177 4.05 1.26 9.17
N MET A 178 5.27 0.81 9.41
CA MET A 178 6.05 1.12 10.62
C MET A 178 6.76 2.46 10.43
N SER A 179 6.01 3.52 10.11
CA SER A 179 6.57 4.88 9.90
C SER A 179 6.46 5.68 11.22
N SER A 180 7.59 5.89 11.90
CA SER A 180 7.62 6.51 13.26
C SER A 180 7.25 8.00 13.24
N ASP A 181 7.20 8.62 12.07
CA ASP A 181 7.05 10.08 11.94
C ASP A 181 5.60 10.46 11.67
N ARG A 182 4.67 9.52 11.66
CA ARG A 182 3.23 9.90 11.57
C ARG A 182 2.90 10.79 12.78
N PRO A 183 2.17 11.90 12.59
CA PRO A 183 1.88 12.79 13.69
C PRO A 183 0.96 12.18 14.75
N GLY A 184 1.21 12.51 16.01
CA GLY A 184 0.35 12.14 17.14
C GLY A 184 0.67 10.80 17.75
N LEU A 185 1.66 10.07 17.21
CA LEU A 185 2.00 8.71 17.68
C LEU A 185 2.53 8.82 19.11
N ALA A 186 2.35 7.78 19.90
CA ALA A 186 2.88 7.67 21.27
C ALA A 186 4.17 6.85 21.28
N CYS A 187 4.17 5.67 20.67
CA CYS A 187 5.29 4.70 20.75
C CYS A 187 6.29 4.94 19.62
N VAL A 188 6.66 6.20 19.42
CA VAL A 188 7.52 6.62 18.27
C VAL A 188 8.73 5.69 18.18
N GLU A 189 9.38 5.40 19.29
CA GLU A 189 10.71 4.75 19.24
C GLU A 189 10.57 3.24 19.04
N ARG A 190 9.54 2.61 19.59
CA ARG A 190 9.30 1.19 19.28
C ARG A 190 8.97 1.04 17.78
N ILE A 191 8.17 1.94 17.24
CA ILE A 191 7.79 1.77 15.82
C ILE A 191 9.06 1.87 14.98
N GLU A 192 9.93 2.84 15.29
CA GLU A 192 11.22 2.99 14.59
C GLU A 192 12.03 1.69 14.63
N LYS A 193 12.04 0.99 15.76
CA LYS A 193 12.86 -0.25 15.81
C LYS A 193 12.21 -1.34 14.95
N TYR A 194 10.88 -1.48 15.03
CA TYR A 194 10.17 -2.40 14.11
C TYR A 194 10.63 -2.12 12.67
N GLN A 195 10.59 -0.86 12.24
CA GLN A 195 10.97 -0.51 10.85
C GLN A 195 12.41 -0.91 10.56
N ASP A 196 13.34 -0.65 11.51
CA ASP A 196 14.77 -0.99 11.30
C ASP A 196 14.95 -2.49 11.09
N SER A 197 14.28 -3.31 11.89
CA SER A 197 14.25 -4.78 11.65
C SER A 197 13.81 -5.09 10.20
N PHE A 198 12.67 -4.54 9.77
CA PHE A 198 12.16 -4.81 8.40
C PHE A 198 13.17 -4.33 7.37
N LEU A 199 13.75 -3.14 7.54
CA LEU A 199 14.68 -2.60 6.52
C LEU A 199 15.90 -3.51 6.40
N LEU A 200 16.42 -4.00 7.53
CA LEU A 200 17.61 -4.88 7.50
C LEU A 200 17.26 -6.20 6.80
N ALA A 201 16.17 -6.83 7.21
CA ALA A 201 15.73 -8.12 6.60
C ALA A 201 15.58 -7.93 5.09
N PHE A 202 14.93 -6.84 4.69
CA PHE A 202 14.61 -6.55 3.27
C PHE A 202 15.90 -6.38 2.48
N GLU A 203 16.83 -5.55 2.94
CA GLU A 203 18.12 -5.37 2.24
C GLU A 203 18.84 -6.73 2.12
N HIS A 204 18.84 -7.52 3.17
CA HIS A 204 19.50 -8.86 3.14
C HIS A 204 18.79 -9.77 2.14
N TYR A 205 17.45 -9.77 2.11
CA TYR A 205 16.70 -10.54 1.10
C TYR A 205 17.09 -10.06 -0.29
N ILE A 206 17.26 -8.75 -0.49
CA ILE A 206 17.60 -8.18 -1.83
C ILE A 206 19.00 -8.66 -2.25
N ASN A 207 19.93 -8.72 -1.30
CA ASN A 207 21.30 -9.25 -1.49
C ASN A 207 21.23 -10.70 -1.97
N TYR A 208 20.46 -11.53 -1.26
CA TYR A 208 20.19 -12.95 -1.62
C TYR A 208 19.56 -13.07 -3.01
N ARG A 209 18.64 -12.18 -3.39
CA ARG A 209 17.84 -12.33 -4.64
C ARG A 209 18.66 -11.92 -5.86
N LYS A 210 19.74 -11.17 -5.68
CA LYS A 210 20.66 -10.75 -6.78
C LYS A 210 19.90 -10.35 -8.05
N HIS A 211 19.06 -9.31 -7.97
CA HIS A 211 18.39 -8.70 -9.15
C HIS A 211 19.41 -8.16 -10.15
N HIS A 212 19.07 -8.14 -11.43
CA HIS A 212 19.95 -7.67 -12.54
C HIS A 212 19.62 -6.21 -12.87
N VAL A 213 19.61 -5.38 -11.85
CA VAL A 213 19.39 -3.92 -11.98
C VAL A 213 20.40 -3.32 -11.00
N THR A 214 21.20 -2.37 -11.47
CA THR A 214 22.31 -1.76 -10.69
C THR A 214 21.75 -0.99 -9.50
N HIS A 215 22.49 -0.95 -8.40
CA HIS A 215 22.11 -0.16 -7.20
C HIS A 215 20.65 -0.42 -6.85
N PHE A 216 20.28 -1.69 -6.64
CA PHE A 216 18.86 -2.07 -6.45
C PHE A 216 18.36 -1.47 -5.13
N TRP A 217 19.12 -1.57 -4.04
CA TRP A 217 18.59 -1.19 -2.71
C TRP A 217 18.34 0.30 -2.69
N PRO A 218 19.33 1.14 -3.11
CA PRO A 218 19.13 2.59 -3.19
C PRO A 218 17.93 2.97 -4.05
N LYS A 219 17.76 2.33 -5.21
CA LYS A 219 16.60 2.59 -6.11
C LYS A 219 15.29 2.19 -5.45
N LEU A 220 15.28 1.13 -4.63
CA LEU A 220 14.05 0.69 -3.92
C LEU A 220 13.72 1.73 -2.86
N LEU A 221 14.73 2.29 -2.21
CA LEU A 221 14.44 3.32 -1.18
C LEU A 221 13.83 4.57 -1.86
N MET A 222 14.23 4.87 -3.08
CA MET A 222 13.58 5.99 -3.82
C MET A 222 12.11 5.66 -4.10
N LYS A 223 11.77 4.37 -4.30
CA LYS A 223 10.36 3.97 -4.59
C LYS A 223 9.57 4.14 -3.31
N VAL A 224 10.18 3.89 -2.15
CA VAL A 224 9.47 4.22 -0.88
C VAL A 224 9.11 5.70 -0.90
N THR A 225 10.09 6.56 -1.19
CA THR A 225 9.81 8.02 -1.20
C THR A 225 8.64 8.29 -2.17
N ASP A 226 8.63 7.70 -3.34
CA ASP A 226 7.52 7.86 -4.34
C ASP A 226 6.18 7.50 -3.69
N LEU A 227 6.13 6.37 -3.01
CA LEU A 227 4.87 5.97 -2.32
C LEU A 227 4.49 6.94 -1.19
N ARG A 228 5.45 7.48 -0.48
CA ARG A 228 5.18 8.45 0.61
C ARG A 228 4.59 9.72 -0.03
N MET A 229 5.11 10.13 -1.19
CA MET A 229 4.56 11.33 -1.90
C MET A 229 3.11 11.05 -2.31
N ILE A 230 2.84 9.88 -2.84
CA ILE A 230 1.44 9.47 -3.18
C ILE A 230 0.58 9.54 -1.92
N GLY A 231 1.06 9.04 -0.78
CA GLY A 231 0.28 9.09 0.47
C GLY A 231 0.02 10.50 0.95
N ALA A 232 0.99 11.39 0.78
CA ALA A 232 0.90 12.74 1.34
C ALA A 232 0.06 13.64 0.41
N CYS A 233 0.08 13.38 -0.89
N CYS A 233 0.05 13.40 -0.89
CA CYS A 233 -0.76 14.10 -1.86
CA CYS A 233 -0.81 14.12 -1.83
C CYS A 233 -2.21 13.59 -1.75
C CYS A 233 -2.25 13.59 -1.71
N HIS A 234 -2.41 12.26 -1.66
CA HIS A 234 -3.75 11.64 -1.47
C HIS A 234 -4.42 12.36 -0.29
N ALA A 235 -3.79 12.32 0.88
CA ALA A 235 -4.32 12.92 2.12
C ALA A 235 -4.64 14.40 1.88
N SER A 236 -3.76 15.12 1.19
CA SER A 236 -3.90 16.57 0.97
C SER A 236 -5.10 16.84 0.10
N ARG A 237 -5.31 15.98 -0.87
CA ARG A 237 -6.35 16.14 -1.90
C ARG A 237 -7.75 15.93 -1.27
N PHE A 238 -7.92 14.86 -0.49
CA PHE A 238 -9.18 14.64 0.29
C PHE A 238 -9.55 15.96 0.96
N LEU A 239 -8.63 16.44 1.80
CA LEU A 239 -8.79 17.71 2.58
C LEU A 239 -9.27 18.83 1.63
N HIS A 240 -8.67 18.89 0.45
CA HIS A 240 -8.84 20.03 -0.47
C HIS A 240 -10.21 19.92 -1.14
N MET A 241 -10.94 21.03 -1.17
CA MET A 241 -12.11 21.30 -2.05
C MET A 241 -13.35 20.50 -1.61
N LYS A 242 -13.27 19.18 -1.62
CA LYS A 242 -14.44 18.33 -1.32
C LYS A 242 -14.86 18.51 0.15
N PRO A 246 -19.89 16.94 -1.19
CA PRO A 246 -20.72 16.40 -0.11
C PRO A 246 -20.14 15.06 0.36
N THR A 247 -19.82 14.94 1.64
CA THR A 247 -19.01 13.80 2.14
C THR A 247 -19.84 12.53 2.36
N GLU A 248 -21.16 12.61 2.45
CA GLU A 248 -21.96 11.36 2.58
C GLU A 248 -21.70 10.52 1.33
N LEU A 249 -21.31 11.18 0.24
CA LEU A 249 -21.05 10.54 -1.08
C LEU A 249 -19.83 9.63 -0.96
N PHE A 250 -18.99 9.86 0.04
CA PHE A 250 -17.79 9.04 0.30
C PHE A 250 -18.11 7.86 1.19
N PRO A 251 -17.56 6.67 0.90
CA PRO A 251 -17.62 5.52 1.79
C PRO A 251 -17.16 5.98 3.16
N PRO A 252 -17.72 5.38 4.23
CA PRO A 252 -17.33 5.73 5.58
C PRO A 252 -15.87 5.40 5.94
N LEU A 253 -15.42 4.17 5.71
CA LEU A 253 -14.03 3.74 6.04
C LEU A 253 -13.04 4.66 5.32
N PHE A 254 -13.35 5.07 4.10
CA PHE A 254 -12.53 5.98 3.26
C PHE A 254 -12.51 7.44 3.73
N LEU A 255 -13.60 7.91 4.34
CA LEU A 255 -13.59 9.26 4.97
C LEU A 255 -12.63 9.16 6.16
N GLU A 256 -12.71 8.06 6.89
CA GLU A 256 -11.85 7.89 8.09
C GLU A 256 -10.35 7.87 7.69
N VAL A 257 -9.96 7.40 6.49
CA VAL A 257 -8.49 7.34 6.15
C VAL A 257 -8.06 8.56 5.32
N PHE A 258 -8.99 9.35 4.83
CA PHE A 258 -8.78 10.57 4.01
C PHE A 258 -8.08 10.14 2.72
N GLU B 1 -15.04 9.25 16.84
CA GLU B 1 -14.31 9.41 15.55
C GLU B 1 -13.44 8.17 15.33
N ASN B 2 -13.21 7.81 14.07
CA ASN B 2 -12.38 6.64 13.66
C ASN B 2 -12.95 5.38 14.34
N ALA B 3 -14.25 5.20 14.21
CA ALA B 3 -15.02 4.22 15.02
C ALA B 3 -15.24 2.93 14.24
N LEU B 4 -15.39 3.01 12.91
CA LEU B 4 -15.41 1.80 12.07
C LEU B 4 -14.02 1.18 12.14
N LEU B 5 -12.99 1.99 11.87
CA LEU B 5 -11.58 1.53 11.90
C LEU B 5 -11.27 0.92 13.26
N ARG B 6 -11.79 1.52 14.32
CA ARG B 6 -11.58 1.01 15.69
C ARG B 6 -12.23 -0.35 15.84
N TYR B 7 -13.49 -0.49 15.41
CA TYR B 7 -14.21 -1.79 15.44
C TYR B 7 -13.40 -2.81 14.66
N LEU B 8 -13.01 -2.46 13.43
CA LEU B 8 -12.28 -3.41 12.54
C LEU B 8 -10.94 -3.83 13.17
N LEU B 9 -10.22 -2.92 13.82
CA LEU B 9 -8.95 -3.25 14.52
C LEU B 9 -9.19 -4.17 15.72
N ASP B 10 -10.09 -3.81 16.64
CA ASP B 10 -10.24 -4.53 17.94
C ASP B 10 -10.96 -5.86 17.71
N LYS B 11 -11.49 -5.95 16.57
CA LYS B 11 -11.81 -7.23 15.90
C LYS B 11 -13.32 -7.29 15.60
C16 9II C . -9.41 8.25 -3.75
C12 9II C . -4.74 -2.50 -5.26
C11 9II C . -6.72 -1.17 -4.87
C10 9II C . -7.27 0.22 -4.99
C15 9II C . -9.61 6.95 -4.20
C14 9II C . -10.31 6.77 -5.37
C13 9II C . -5.00 -3.53 -4.18
C6 9II C . -10.99 3.27 -5.54
C9 9II C . -8.66 0.42 -5.07
C1 9II C . -4.59 3.15 -5.27
C2 9II C . -6.84 2.45 -5.26
C7 9II C . -10.55 2.00 -5.34
C3 9II C . -8.24 2.76 -5.36
C4 9II C . -8.72 4.08 -5.58
C5 9II C . -10.05 4.30 -5.66
O6 9II C . -5.98 3.48 -5.37
C8 9II C . -9.17 1.72 -5.25
N1 9II C . -6.39 1.22 -5.09
O1 9II C . -7.48 -2.15 -4.82
N2 9II C . -5.39 -1.25 -5.02
O2 9II C . -4.98 -4.73 -4.50
O3 9II C . -5.22 -3.08 -3.03
O4 9II C . -9.51 -0.62 -4.93
O5 9II C . -10.60 5.53 -5.91
C17 9II C . -9.93 9.34 -4.44
C18 9II C . -10.64 9.10 -5.62
C19 9II C . -10.83 7.82 -6.08
C20 9II C . -9.74 10.72 -3.94
C21 9II C . -8.84 11.01 -2.92
C22 9II C . -8.68 12.30 -2.45
C23 9II C . -9.45 13.32 -2.97
C24 9II C . -10.37 13.06 -3.96
C25 9II C . -10.53 11.77 -4.43
#